data_8F9Y
#
_entry.id   8F9Y
#
_cell.length_a   142.971
_cell.length_b   142.971
_cell.length_c   75.135
_cell.angle_alpha   90.000
_cell.angle_beta   90.000
_cell.angle_gamma   120.000
#
_symmetry.space_group_name_H-M   'P 61 2 2'
#
loop_
_entity.id
_entity.type
_entity.pdbx_description
1 polymer 'SAL1 phosphatase'
2 non-polymer 'MAGNESIUM ION'
3 non-polymer 'PHOSPHATE ION'
4 water water
#
_entity_poly.entity_id   1
_entity_poly.type   'polypeptide(L)'
_entity_poly.pdbx_seq_one_letter_code
;MAYEKELDAAKKAASLAARLCQKVQKALLQSDVQSKSDKSPVTVADYGSQAVVSLVLEKELSSEPFSLVAEEDSGDLRKD
GSQDTLERITKLVNDTLATEESFNGSTLSTDDLLRAIDCGTSEGGPNGRHWVLDPIDGTKGFLRGDQYAVALGLLEEGKV
VLGVLACPNLPLASIAGNNKNKSSSDEIGCLFFATIGSGTYMQLLDSKSSPVKVQVSSVENPEEASFFESFEGAHSLHDL
SSSIANKLGVKAPPVRIDSQAKYGALSRGDGAIYLRFPHKGYREKIWDHVAGAIVVTEAGGIVTDAAGKPLDFSKGKYLD
LDTGIIVANEKLMPLLLKAVRDSIAEQEKASA
;
_entity_poly.pdbx_strand_id   A
#
# COMPACT_ATOMS: atom_id res chain seq x y z
N MET A 1 -7.35 -19.33 -7.37
CA MET A 1 -6.13 -18.60 -7.09
C MET A 1 -5.17 -19.39 -6.21
N ALA A 2 -3.87 -19.15 -6.37
CA ALA A 2 -2.90 -19.64 -5.40
C ALA A 2 -3.15 -19.00 -4.04
N TYR A 3 -2.84 -19.74 -2.99
CA TYR A 3 -3.02 -19.32 -1.60
C TYR A 3 -4.45 -18.81 -1.35
N GLU A 4 -5.42 -19.56 -1.88
CA GLU A 4 -6.82 -19.13 -1.81
C GLU A 4 -7.28 -18.93 -0.37
N LYS A 5 -6.90 -19.82 0.54
CA LYS A 5 -7.31 -19.64 1.94
C LYS A 5 -6.66 -18.40 2.55
N GLU A 6 -5.38 -18.17 2.27
CA GLU A 6 -4.72 -16.97 2.76
C GLU A 6 -5.31 -15.72 2.11
N LEU A 7 -5.70 -15.82 0.83
CA LEU A 7 -6.25 -14.65 0.14
C LEU A 7 -7.57 -14.23 0.74
N ASP A 8 -8.41 -15.20 1.12
CA ASP A 8 -9.68 -14.85 1.74
C ASP A 8 -9.47 -14.19 3.09
N ALA A 9 -8.56 -14.73 3.90
CA ALA A 9 -8.29 -14.13 5.20
C ALA A 9 -7.72 -12.72 5.04
N ALA A 10 -6.85 -12.52 4.06
CA ALA A 10 -6.23 -11.22 3.90
C ALA A 10 -7.22 -10.18 3.38
N LYS A 11 -8.16 -10.59 2.51
CA LYS A 11 -9.14 -9.63 2.00
C LYS A 11 -10.12 -9.23 3.09
N LYS A 12 -10.51 -10.19 3.93
CA LYS A 12 -11.36 -9.88 5.07
C LYS A 12 -10.64 -8.97 6.06
N ALA A 13 -9.36 -9.24 6.34
CA ALA A 13 -8.63 -8.44 7.33
C ALA A 13 -8.41 -7.02 6.81
N ALA A 14 -7.95 -6.89 5.57
CA ALA A 14 -7.67 -5.57 5.03
C ALA A 14 -8.94 -4.74 4.91
N SER A 15 -10.04 -5.36 4.50
CA SER A 15 -11.30 -4.64 4.38
C SER A 15 -11.76 -4.12 5.74
N LEU A 16 -11.67 -4.96 6.77
CA LEU A 16 -12.06 -4.52 8.10
C LEU A 16 -11.17 -3.38 8.60
N ALA A 17 -9.87 -3.44 8.29
CA ALA A 17 -9.00 -2.34 8.66
C ALA A 17 -9.41 -1.05 7.97
N ALA A 18 -9.91 -1.15 6.74
CA ALA A 18 -10.36 0.05 6.04
C ALA A 18 -11.60 0.64 6.70
N ARG A 19 -12.50 -0.21 7.21
CA ARG A 19 -13.66 0.30 7.93
C ARG A 19 -13.25 1.06 9.17
N LEU A 20 -12.28 0.52 9.91
CA LEU A 20 -11.80 1.19 11.11
C LEU A 20 -11.16 2.52 10.77
N CYS A 21 -10.43 2.59 9.65
CA CYS A 21 -9.79 3.84 9.27
C CYS A 21 -10.82 4.86 8.77
N GLN A 22 -11.78 4.40 7.96
CA GLN A 22 -12.82 5.30 7.48
C GLN A 22 -13.67 5.83 8.63
N LYS A 23 -13.88 5.02 9.67
CA LYS A 23 -14.63 5.49 10.84
C LYS A 23 -13.90 6.62 11.55
N VAL A 24 -12.56 6.62 11.48
CA VAL A 24 -11.79 7.70 12.10
C VAL A 24 -11.78 8.92 11.19
N GLN A 25 -11.53 8.73 9.90
CA GLN A 25 -11.40 9.88 9.00
C GLN A 25 -12.72 10.63 8.86
N LYS A 26 -13.83 9.91 8.76
CA LYS A 26 -15.12 10.59 8.68
C LYS A 26 -15.46 11.29 10.00
N ALA A 27 -14.93 10.80 11.11
CA ALA A 27 -15.12 11.41 12.41
C ALA A 27 -14.13 12.54 12.69
N LEU A 28 -13.41 13.01 11.68
CA LEU A 28 -12.48 14.11 11.87
C LEU A 28 -13.20 15.44 11.93
N LEU A 29 -14.23 15.51 12.79
CA LEU A 29 -15.02 16.72 13.04
C LEU A 29 -15.81 17.18 11.83
N GLN A 30 -15.53 16.61 10.65
CA GLN A 30 -16.11 17.02 9.38
C GLN A 30 -15.79 18.48 9.06
N SER A 31 -15.04 19.13 9.94
CA SER A 31 -14.53 20.48 9.74
C SER A 31 -13.01 20.42 9.61
N ASP A 32 -12.45 21.44 8.96
CA ASP A 32 -11.01 21.46 8.68
C ASP A 32 -10.17 21.59 9.95
N VAL A 33 -10.78 21.84 11.10
CA VAL A 33 -10.03 22.04 12.34
C VAL A 33 -9.77 20.73 13.07
N GLN A 34 -10.74 19.81 13.06
CA GLN A 34 -10.61 18.52 13.74
C GLN A 34 -10.33 18.70 15.23
N SER A 35 -11.09 19.59 15.86
CA SER A 35 -10.99 19.88 17.29
C SER A 35 -9.58 20.31 17.69
N LYS A 36 -8.74 20.61 16.69
CA LYS A 36 -7.35 21.01 16.90
C LYS A 36 -6.56 19.96 17.70
N SER A 37 -6.97 18.70 17.62
CA SER A 37 -6.30 17.65 18.37
C SER A 37 -4.95 17.31 17.75
N ASP A 38 -4.19 16.46 18.45
CA ASP A 38 -2.86 16.06 17.98
C ASP A 38 -2.98 15.05 16.86
N LYS A 39 -1.89 14.31 16.61
CA LYS A 39 -1.93 13.18 15.69
C LYS A 39 -2.70 11.99 16.25
N SER A 40 -3.57 12.21 17.24
CA SER A 40 -4.42 11.15 17.78
C SER A 40 -5.17 10.36 16.71
N PRO A 41 -5.82 10.97 15.70
CA PRO A 41 -6.48 10.14 14.68
C PRO A 41 -5.51 9.25 13.93
N VAL A 42 -4.35 9.77 13.52
CA VAL A 42 -3.39 8.96 12.76
C VAL A 42 -2.89 7.80 13.61
N THR A 43 -2.59 8.05 14.88
CA THR A 43 -2.04 7.00 15.72
C THR A 43 -3.09 5.94 16.05
N VAL A 44 -4.31 6.36 16.38
CA VAL A 44 -5.33 5.36 16.71
C VAL A 44 -5.74 4.59 15.46
N ALA A 45 -5.67 5.21 14.28
CA ALA A 45 -5.96 4.48 13.06
C ALA A 45 -4.85 3.47 12.76
N ASP A 46 -3.59 3.89 12.93
CA ASP A 46 -2.47 2.98 12.68
C ASP A 46 -2.51 1.79 13.64
N TYR A 47 -2.56 2.07 14.95
CA TYR A 47 -2.62 0.99 15.93
C TYR A 47 -3.89 0.16 15.75
N GLY A 48 -5.01 0.81 15.45
CA GLY A 48 -6.25 0.08 15.26
C GLY A 48 -6.24 -0.79 14.01
N SER A 49 -5.70 -0.25 12.91
CA SER A 49 -5.59 -1.04 11.69
C SER A 49 -4.70 -2.26 11.92
N GLN A 50 -3.50 -2.04 12.48
CA GLN A 50 -2.61 -3.16 12.77
C GLN A 50 -3.29 -4.17 13.69
N ALA A 51 -4.11 -3.70 14.63
CA ALA A 51 -4.74 -4.62 15.57
C ALA A 51 -5.76 -5.53 14.88
N VAL A 52 -6.67 -4.93 14.11
CA VAL A 52 -7.72 -5.74 13.48
C VAL A 52 -7.13 -6.67 12.43
N VAL A 53 -6.08 -6.24 11.73
CA VAL A 53 -5.43 -7.11 10.78
C VAL A 53 -4.84 -8.32 11.50
N SER A 54 -4.11 -8.08 12.59
CA SER A 54 -3.51 -9.18 13.32
C SER A 54 -4.58 -10.10 13.89
N LEU A 55 -5.67 -9.54 14.40
CA LEU A 55 -6.66 -10.36 15.07
C LEU A 55 -7.48 -11.19 14.09
N VAL A 56 -7.70 -10.67 12.88
CA VAL A 56 -8.44 -11.42 11.88
C VAL A 56 -7.59 -12.56 11.32
N LEU A 57 -6.39 -12.24 10.83
CA LEU A 57 -5.54 -13.26 10.25
C LEU A 57 -5.24 -14.39 11.24
N GLU A 58 -5.04 -14.03 12.52
CA GLU A 58 -4.77 -15.07 13.52
C GLU A 58 -5.98 -15.97 13.72
N LYS A 59 -7.19 -15.42 13.64
CA LYS A 59 -8.38 -16.23 13.83
C LYS A 59 -8.73 -17.02 12.58
N GLU A 60 -8.52 -16.43 11.40
CA GLU A 60 -8.89 -17.10 10.15
C GLU A 60 -7.90 -18.21 9.81
N LEU A 61 -6.61 -17.99 10.08
CA LEU A 61 -5.58 -18.93 9.68
C LEU A 61 -5.00 -19.66 10.88
N SER A 62 -5.86 -20.35 11.62
CA SER A 62 -5.45 -21.07 12.82
C SER A 62 -4.57 -22.28 12.53
N SER A 63 -4.23 -22.55 11.27
CA SER A 63 -3.43 -23.72 10.93
C SER A 63 -1.93 -23.48 11.06
N GLU A 64 -1.50 -22.22 11.13
CA GLU A 64 -0.08 -21.89 11.18
C GLU A 64 0.17 -20.84 12.26
N PRO A 65 1.37 -20.84 12.85
CA PRO A 65 1.73 -19.76 13.79
C PRO A 65 1.77 -18.42 13.07
N PHE A 66 1.31 -17.39 13.76
CA PHE A 66 1.20 -16.07 13.16
C PHE A 66 2.53 -15.33 13.23
N SER A 67 2.98 -14.85 12.07
CA SER A 67 4.20 -14.07 11.94
C SER A 67 3.89 -12.85 11.11
N LEU A 68 4.06 -11.66 11.70
CA LEU A 68 3.74 -10.41 11.03
C LEU A 68 4.92 -9.47 11.08
N VAL A 69 5.24 -8.86 9.96
CA VAL A 69 6.30 -7.86 9.86
C VAL A 69 5.64 -6.48 9.85
N ALA A 70 5.77 -5.75 10.95
CA ALA A 70 5.15 -4.44 11.08
C ALA A 70 6.16 -3.46 11.66
N GLU A 71 5.89 -2.17 11.44
CA GLU A 71 6.83 -1.14 11.85
C GLU A 71 6.73 -0.86 13.35
N GLU A 72 5.52 -0.78 13.88
CA GLU A 72 5.30 -0.28 15.23
C GLU A 72 5.01 -1.41 16.21
N ASP A 73 5.31 -1.15 17.48
CA ASP A 73 4.99 -2.04 18.59
C ASP A 73 4.04 -1.35 19.54
N SER A 74 3.91 -1.87 20.76
CA SER A 74 3.00 -1.32 21.76
C SER A 74 3.71 -0.48 22.81
N GLY A 75 4.97 -0.10 22.55
CA GLY A 75 5.73 0.62 23.55
C GLY A 75 5.13 1.96 23.91
N ASP A 76 4.42 2.59 22.97
CA ASP A 76 3.85 3.90 23.23
C ASP A 76 2.57 3.83 24.05
N LEU A 77 1.81 2.74 23.94
CA LEU A 77 0.55 2.59 24.64
C LEU A 77 0.71 2.21 26.11
N ARG A 78 1.90 2.36 26.66
CA ARG A 78 2.18 1.97 28.05
C ARG A 78 2.71 3.12 28.90
N LYS A 79 3.62 3.92 28.37
CA LYS A 79 4.07 5.11 29.08
C LYS A 79 2.93 6.11 29.20
N ASP A 80 2.94 6.88 30.30
CA ASP A 80 1.96 7.92 30.56
C ASP A 80 0.57 7.32 30.75
N GLY A 81 -0.39 8.13 31.21
CA GLY A 81 -1.77 7.69 31.26
C GLY A 81 -2.39 7.64 29.87
N SER A 82 -1.73 6.90 28.96
CA SER A 82 -2.14 6.78 27.57
C SER A 82 -3.39 5.98 27.38
N GLN A 83 -4.06 5.57 28.46
CA GLN A 83 -5.32 4.85 28.32
C GLN A 83 -6.37 5.69 27.59
N ASP A 84 -6.22 7.01 27.58
CA ASP A 84 -7.09 7.85 26.76
C ASP A 84 -7.02 7.43 25.30
N THR A 85 -5.84 7.05 24.83
CA THR A 85 -5.68 6.52 23.49
C THR A 85 -5.82 5.01 23.44
N LEU A 86 -5.36 4.31 24.49
CA LEU A 86 -5.46 2.86 24.51
C LEU A 86 -6.91 2.41 24.55
N GLU A 87 -7.71 2.97 25.47
CA GLU A 87 -9.09 2.54 25.60
C GLU A 87 -9.95 3.01 24.44
N ARG A 88 -9.60 4.13 23.82
CA ARG A 88 -10.37 4.59 22.67
C ARG A 88 -10.14 3.70 21.46
N ILE A 89 -8.94 3.10 21.35
CA ILE A 89 -8.70 2.14 20.29
C ILE A 89 -9.42 0.84 20.59
N THR A 90 -9.38 0.40 21.85
CA THR A 90 -10.07 -0.83 22.24
C THR A 90 -11.56 -0.72 21.95
N LYS A 91 -12.17 0.41 22.30
CA LYS A 91 -13.57 0.63 21.91
C LYS A 91 -13.71 0.71 20.40
N LEU A 92 -12.71 1.29 19.72
CA LEU A 92 -12.77 1.41 18.28
C LEU A 92 -12.60 0.06 17.59
N VAL A 93 -11.72 -0.79 18.12
CA VAL A 93 -11.50 -2.11 17.52
C VAL A 93 -12.69 -3.02 17.78
N ASN A 94 -13.18 -3.05 19.02
CA ASN A 94 -14.30 -3.91 19.34
C ASN A 94 -15.54 -3.54 18.53
N ASP A 95 -15.79 -2.25 18.34
CA ASP A 95 -16.93 -1.83 17.54
C ASP A 95 -16.79 -2.29 16.10
N THR A 96 -15.60 -2.15 15.53
CA THR A 96 -15.37 -2.64 14.17
C THR A 96 -15.39 -4.16 14.13
N LEU A 97 -14.78 -4.81 15.12
CA LEU A 97 -14.81 -6.27 15.21
C LEU A 97 -16.05 -6.76 15.93
N ALA A 98 -17.21 -6.21 15.57
CA ALA A 98 -18.48 -6.69 16.05
C ALA A 98 -19.38 -7.23 14.94
N THR A 99 -19.12 -6.85 13.68
CA THR A 99 -19.79 -7.40 12.53
C THR A 99 -18.99 -8.55 11.93
N GLU A 100 -18.51 -9.44 12.80
CA GLU A 100 -17.60 -10.52 12.42
C GLU A 100 -18.23 -11.90 12.41
N GLU A 101 -19.18 -12.16 13.31
CA GLU A 101 -19.83 -13.46 13.48
C GLU A 101 -18.85 -14.57 13.85
N SER A 102 -17.61 -14.23 14.17
CA SER A 102 -16.61 -15.17 14.65
C SER A 102 -16.06 -14.82 16.02
N PHE A 103 -15.93 -13.53 16.34
CA PHE A 103 -15.55 -13.13 17.70
C PHE A 103 -16.76 -13.13 18.63
N ASN A 104 -17.86 -12.51 18.21
CA ASN A 104 -19.13 -12.50 18.94
C ASN A 104 -18.95 -12.03 20.38
N GLY A 105 -19.36 -12.88 21.33
CA GLY A 105 -19.12 -12.60 22.73
C GLY A 105 -17.65 -12.67 23.08
N SER A 106 -16.89 -11.65 22.67
CA SER A 106 -15.46 -11.61 22.94
C SER A 106 -15.09 -10.32 23.65
N THR A 107 -15.36 -9.18 23.00
CA THR A 107 -15.09 -7.85 23.55
C THR A 107 -13.70 -7.76 24.17
N LEU A 108 -12.67 -7.66 23.34
CA LEU A 108 -11.29 -7.71 23.82
C LEU A 108 -11.00 -6.54 24.77
N SER A 109 -10.12 -6.79 25.72
CA SER A 109 -9.77 -5.80 26.72
C SER A 109 -8.62 -4.93 26.24
N THR A 110 -8.19 -4.00 27.10
CA THR A 110 -7.05 -3.14 26.76
C THR A 110 -5.76 -3.96 26.71
N ASP A 111 -5.62 -4.95 27.60
CA ASP A 111 -4.45 -5.80 27.57
C ASP A 111 -4.46 -6.73 26.37
N ASP A 112 -5.64 -7.19 25.96
CA ASP A 112 -5.73 -8.01 24.76
C ASP A 112 -5.39 -7.22 23.51
N LEU A 113 -5.60 -5.91 23.53
CA LEU A 113 -5.34 -5.09 22.35
C LEU A 113 -3.84 -4.91 22.13
N LEU A 114 -3.11 -4.58 23.19
CA LEU A 114 -1.67 -4.42 23.05
C LEU A 114 -0.96 -5.75 22.83
N ARG A 115 -1.56 -6.86 23.27
CA ARG A 115 -0.99 -8.16 22.95
C ARG A 115 -1.12 -8.48 21.46
N ALA A 116 -2.18 -7.97 20.81
CA ALA A 116 -2.35 -8.18 19.38
C ALA A 116 -1.31 -7.42 18.58
N ILE A 117 -0.83 -6.30 19.09
CA ILE A 117 0.16 -5.52 18.38
C ILE A 117 1.56 -6.07 18.62
N ASP A 118 1.83 -6.56 19.83
CA ASP A 118 3.13 -7.15 20.14
C ASP A 118 3.28 -8.58 19.65
N CYS A 119 2.19 -9.22 19.21
CA CYS A 119 2.30 -10.56 18.64
C CYS A 119 2.72 -10.53 17.18
N GLY A 120 2.72 -9.36 16.55
CA GLY A 120 3.25 -9.21 15.21
C GLY A 120 4.62 -8.55 15.20
N THR A 121 5.63 -9.30 15.65
CA THR A 121 6.99 -8.77 15.70
C THR A 121 7.95 -9.67 14.94
N SER A 122 7.71 -9.83 13.64
CA SER A 122 8.60 -10.61 12.80
C SER A 122 9.62 -9.71 12.11
N GLU A 123 10.69 -10.33 11.64
CA GLU A 123 11.79 -9.62 10.98
C GLU A 123 11.97 -10.06 9.53
N GLY A 124 10.93 -10.65 8.93
CA GLY A 124 11.05 -11.13 7.56
C GLY A 124 12.08 -12.24 7.45
N GLY A 125 12.93 -12.13 6.43
CA GLY A 125 13.97 -13.09 6.20
C GLY A 125 13.66 -14.01 5.04
N PRO A 126 14.65 -14.82 4.64
CA PRO A 126 14.45 -15.73 3.50
C PRO A 126 13.74 -17.02 3.86
N ASN A 127 13.47 -17.26 5.13
CA ASN A 127 12.91 -18.53 5.56
C ASN A 127 11.54 -18.31 6.19
N GLY A 128 10.65 -19.29 5.96
CA GLY A 128 9.36 -19.28 6.60
C GLY A 128 8.32 -18.50 5.81
N ARG A 129 7.24 -18.19 6.50
CA ARG A 129 6.12 -17.46 5.93
C ARG A 129 5.80 -16.28 6.83
N HIS A 130 5.83 -15.08 6.27
CA HIS A 130 5.62 -13.86 7.05
C HIS A 130 4.62 -12.95 6.35
N TRP A 131 3.65 -12.46 7.13
CA TRP A 131 2.81 -11.37 6.65
C TRP A 131 3.54 -10.05 6.81
N VAL A 132 3.30 -9.15 5.86
CA VAL A 132 3.92 -7.82 5.86
C VAL A 132 2.80 -6.79 5.73
N LEU A 133 2.68 -5.91 6.73
CA LEU A 133 1.56 -4.99 6.84
C LEU A 133 2.04 -3.55 6.98
N ASP A 134 1.39 -2.65 6.24
CA ASP A 134 1.45 -1.22 6.54
C ASP A 134 0.06 -0.77 6.96
N PRO A 135 -0.18 -0.50 8.24
CA PRO A 135 -1.57 -0.27 8.70
C PRO A 135 -2.24 0.91 8.02
N ILE A 136 -1.49 1.99 7.75
CA ILE A 136 -1.97 3.10 6.95
C ILE A 136 -0.77 3.66 6.19
N ASP A 137 -0.81 3.58 4.87
CA ASP A 137 0.18 4.24 4.04
C ASP A 137 -0.42 5.52 3.50
N GLY A 138 0.33 6.61 3.57
CA GLY A 138 -0.20 7.92 3.22
C GLY A 138 -0.88 8.56 4.40
N THR A 139 -0.12 8.76 5.48
CA THR A 139 -0.70 9.35 6.69
C THR A 139 -1.17 10.78 6.45
N LYS A 140 -0.44 11.53 5.62
CA LYS A 140 -0.86 12.89 5.32
C LYS A 140 -2.13 12.89 4.48
N GLY A 141 -2.25 11.95 3.54
CA GLY A 141 -3.47 11.86 2.74
C GLY A 141 -4.68 11.49 3.57
N PHE A 142 -4.49 10.61 4.57
CA PHE A 142 -5.58 10.25 5.46
C PHE A 142 -6.13 11.46 6.19
N LEU A 143 -5.27 12.41 6.55
CA LEU A 143 -5.73 13.60 7.25
C LEU A 143 -6.50 14.52 6.32
N ARG A 144 -5.90 14.89 5.20
CA ARG A 144 -6.55 15.79 4.24
C ARG A 144 -7.67 15.12 3.44
N GLY A 145 -8.14 13.93 3.81
CA GLY A 145 -9.16 13.26 3.03
C GLY A 145 -8.70 12.75 1.68
N ASP A 146 -7.40 12.78 1.41
CA ASP A 146 -6.89 12.36 0.11
C ASP A 146 -6.78 10.84 0.03
N GLN A 147 -5.82 10.34 -0.73
CA GLN A 147 -5.67 8.91 -1.00
C GLN A 147 -4.78 8.27 0.05
N TYR A 148 -5.30 7.24 0.72
CA TYR A 148 -4.51 6.40 1.60
C TYR A 148 -4.90 4.96 1.32
N ALA A 149 -4.10 4.03 1.85
CA ALA A 149 -4.27 2.62 1.54
C ALA A 149 -3.76 1.77 2.70
N VAL A 150 -4.33 0.58 2.81
CA VAL A 150 -3.88 -0.48 3.71
C VAL A 150 -3.18 -1.54 2.87
N ALA A 151 -1.90 -1.78 3.13
CA ALA A 151 -1.08 -2.69 2.35
C ALA A 151 -0.78 -3.94 3.16
N LEU A 152 -1.13 -5.10 2.62
CA LEU A 152 -0.95 -6.39 3.29
C LEU A 152 -0.40 -7.38 2.27
N GLY A 153 0.82 -7.88 2.52
CA GLY A 153 1.44 -8.86 1.66
C GLY A 153 1.83 -10.11 2.44
N LEU A 154 2.18 -11.15 1.68
CA LEU A 154 2.64 -12.40 2.26
C LEU A 154 3.94 -12.82 1.62
N LEU A 155 4.94 -13.14 2.45
CA LEU A 155 6.19 -13.70 1.99
C LEU A 155 6.19 -15.20 2.21
N GLU A 156 6.68 -15.94 1.22
CA GLU A 156 6.85 -17.38 1.32
C GLU A 156 8.28 -17.69 0.90
N GLU A 157 9.11 -18.07 1.87
CA GLU A 157 10.54 -18.29 1.64
C GLU A 157 11.21 -17.07 1.02
N GLY A 158 10.85 -15.89 1.52
CA GLY A 158 11.47 -14.65 1.06
C GLY A 158 10.92 -14.10 -0.23
N LYS A 159 9.88 -14.72 -0.80
CA LYS A 159 9.31 -14.29 -2.06
C LYS A 159 7.85 -13.90 -1.84
N VAL A 160 7.44 -12.80 -2.49
CA VAL A 160 6.08 -12.31 -2.34
C VAL A 160 5.14 -13.17 -3.16
N VAL A 161 4.12 -13.73 -2.51
CA VAL A 161 3.16 -14.61 -3.16
C VAL A 161 1.74 -14.06 -3.09
N LEU A 162 1.52 -12.95 -2.39
CA LEU A 162 0.16 -12.44 -2.21
C LEU A 162 0.22 -10.99 -1.80
N GLY A 163 -0.54 -10.16 -2.49
CA GLY A 163 -0.67 -8.76 -2.12
C GLY A 163 -2.12 -8.34 -2.09
N VAL A 164 -2.47 -7.52 -1.11
CA VAL A 164 -3.81 -6.96 -0.98
C VAL A 164 -3.69 -5.48 -0.69
N LEU A 165 -4.42 -4.66 -1.45
CA LEU A 165 -4.43 -3.21 -1.26
C LEU A 165 -5.86 -2.75 -1.08
N ALA A 166 -6.14 -2.08 0.05
CA ALA A 166 -7.45 -1.51 0.32
C ALA A 166 -7.33 0.01 0.24
N CYS A 167 -7.97 0.60 -0.77
CA CYS A 167 -7.93 2.05 -1.01
C CYS A 167 -9.34 2.61 -0.86
N PRO A 168 -9.71 3.05 0.34
CA PRO A 168 -11.11 3.42 0.57
C PRO A 168 -11.55 4.65 -0.19
N ASN A 169 -10.64 5.57 -0.53
CA ASN A 169 -11.01 6.78 -1.24
C ASN A 169 -10.78 6.68 -2.74
N LEU A 170 -10.11 5.64 -3.22
CA LEU A 170 -9.81 5.56 -4.65
C LEU A 170 -11.09 5.23 -5.42
N PRO A 171 -11.44 6.02 -6.44
CA PRO A 171 -12.63 5.69 -7.24
C PRO A 171 -12.38 4.48 -8.12
N LEU A 172 -13.49 3.89 -8.57
CA LEU A 172 -13.42 2.72 -9.42
C LEU A 172 -12.99 3.06 -10.84
N ALA A 173 -13.27 4.29 -11.27
CA ALA A 173 -12.90 4.73 -12.61
C ALA A 173 -11.49 5.29 -12.62
N SER A 174 -10.96 5.52 -13.82
CA SER A 174 -9.60 6.02 -13.96
C SER A 174 -9.48 7.41 -13.36
N ILE A 175 -8.63 7.54 -12.34
CA ILE A 175 -8.37 8.86 -11.76
C ILE A 175 -7.48 9.67 -12.70
N ALA A 176 -6.55 9.00 -13.40
CA ALA A 176 -5.72 9.70 -14.38
C ALA A 176 -6.57 10.36 -15.45
N GLY A 177 -7.51 9.61 -16.01
CA GLY A 177 -8.42 10.17 -16.98
C GLY A 177 -9.36 11.18 -16.37
N ASN A 178 -8.83 12.36 -16.03
CA ASN A 178 -9.69 13.46 -15.59
C ASN A 178 -10.58 13.96 -16.73
N ASN A 179 -10.33 13.52 -17.97
CA ASN A 179 -11.18 13.86 -19.10
C ASN A 179 -12.61 13.38 -18.92
N LYS A 180 -12.83 12.35 -18.09
CA LYS A 180 -14.19 11.90 -17.80
C LYS A 180 -15.04 13.06 -17.31
N ASN A 181 -14.60 13.73 -16.24
CA ASN A 181 -15.32 14.84 -15.64
C ASN A 181 -16.78 14.48 -15.37
N LYS A 182 -17.01 13.22 -15.03
CA LYS A 182 -18.36 12.70 -14.84
C LYS A 182 -18.94 13.25 -13.54
N SER A 183 -20.04 12.66 -13.09
CA SER A 183 -20.63 13.05 -11.82
C SER A 183 -19.80 12.50 -10.67
N SER A 184 -20.38 12.48 -9.47
CA SER A 184 -19.67 11.92 -8.32
C SER A 184 -19.44 10.42 -8.43
N SER A 185 -20.05 9.76 -9.42
CA SER A 185 -19.89 8.33 -9.68
C SER A 185 -20.43 7.47 -8.55
N ASP A 186 -20.14 7.85 -7.30
CA ASP A 186 -20.60 7.17 -6.09
C ASP A 186 -19.93 5.81 -5.91
N GLU A 187 -19.27 5.31 -6.94
CA GLU A 187 -18.51 4.06 -6.88
C GLU A 187 -17.08 4.41 -6.50
N ILE A 188 -16.82 4.43 -5.19
CA ILE A 188 -15.54 4.83 -4.64
C ILE A 188 -15.14 3.82 -3.56
N GLY A 189 -13.90 3.35 -3.61
CA GLY A 189 -13.42 2.39 -2.63
C GLY A 189 -13.05 1.07 -3.25
N CYS A 190 -11.78 0.90 -3.60
CA CYS A 190 -11.31 -0.25 -4.34
C CYS A 190 -10.56 -1.22 -3.45
N LEU A 191 -10.52 -2.48 -3.89
CA LEU A 191 -9.75 -3.53 -3.24
C LEU A 191 -8.97 -4.27 -4.32
N PHE A 192 -7.65 -4.13 -4.30
CA PHE A 192 -6.78 -4.85 -5.21
C PHE A 192 -6.19 -6.05 -4.48
N PHE A 193 -6.21 -7.20 -5.14
CA PHE A 193 -5.59 -8.38 -4.57
C PHE A 193 -5.03 -9.24 -5.69
N ALA A 194 -3.90 -9.89 -5.41
CA ALA A 194 -3.32 -10.83 -6.36
C ALA A 194 -2.47 -11.84 -5.61
N THR A 195 -2.40 -13.05 -6.16
CA THR A 195 -1.47 -14.08 -5.68
C THR A 195 -0.66 -14.61 -6.86
N ILE A 196 0.45 -15.27 -6.54
CA ILE A 196 1.43 -15.70 -7.55
C ILE A 196 0.75 -16.53 -8.64
N GLY A 197 1.09 -16.24 -9.90
CA GLY A 197 0.59 -16.99 -11.03
C GLY A 197 -0.90 -16.97 -11.21
N SER A 198 -1.60 -16.05 -10.56
CA SER A 198 -3.05 -16.10 -10.50
C SER A 198 -3.76 -14.85 -11.01
N GLY A 199 -3.04 -13.76 -11.26
CA GLY A 199 -3.63 -12.55 -11.80
C GLY A 199 -4.02 -11.54 -10.73
N THR A 200 -4.27 -10.31 -11.18
CA THR A 200 -4.67 -9.20 -10.32
C THR A 200 -6.15 -8.88 -10.55
N TYR A 201 -6.88 -8.70 -9.46
CA TYR A 201 -8.31 -8.43 -9.51
C TYR A 201 -8.63 -7.17 -8.69
N MET A 202 -9.69 -6.50 -9.10
CA MET A 202 -10.15 -5.28 -8.45
C MET A 202 -11.62 -5.43 -8.10
N GLN A 203 -11.97 -5.04 -6.89
CA GLN A 203 -13.33 -5.21 -6.41
C GLN A 203 -13.74 -3.97 -5.62
N LEU A 204 -15.04 -3.68 -5.63
CA LEU A 204 -15.58 -2.61 -4.82
C LEU A 204 -15.47 -2.98 -3.34
N LEU A 205 -14.90 -2.08 -2.55
CA LEU A 205 -14.67 -2.35 -1.14
C LEU A 205 -15.99 -2.51 -0.40
N ASP A 206 -16.08 -3.57 0.41
CA ASP A 206 -17.29 -3.86 1.19
C ASP A 206 -18.52 -3.95 0.28
N SER A 207 -18.38 -4.70 -0.79
CA SER A 207 -19.47 -4.88 -1.75
C SER A 207 -19.41 -6.27 -2.33
N LYS A 208 -20.57 -6.93 -2.39
CA LYS A 208 -20.63 -8.30 -2.88
C LYS A 208 -20.58 -8.32 -4.41
N SER A 209 -20.12 -7.23 -4.99
CA SER A 209 -19.96 -7.17 -6.43
C SER A 209 -18.83 -8.07 -6.88
N SER A 210 -18.98 -8.64 -8.07
CA SER A 210 -17.97 -9.53 -8.60
C SER A 210 -16.66 -8.77 -8.84
N PRO A 211 -15.52 -9.37 -8.47
CA PRO A 211 -14.23 -8.80 -8.87
C PRO A 211 -14.06 -8.83 -10.39
N VAL A 212 -13.20 -7.93 -10.87
CA VAL A 212 -12.85 -7.86 -12.28
C VAL A 212 -11.33 -7.98 -12.41
N LYS A 213 -10.88 -8.72 -13.42
CA LYS A 213 -9.47 -8.83 -13.70
C LYS A 213 -8.98 -7.53 -14.34
N VAL A 214 -7.78 -7.11 -13.94
CA VAL A 214 -7.25 -5.84 -14.42
C VAL A 214 -5.88 -6.09 -15.04
N GLN A 215 -5.53 -5.22 -15.99
CA GLN A 215 -4.29 -5.29 -16.73
C GLN A 215 -3.66 -3.90 -16.76
N VAL A 216 -2.35 -3.86 -16.98
CA VAL A 216 -1.62 -2.59 -17.05
C VAL A 216 -1.90 -1.90 -18.38
N SER A 217 -1.37 -0.70 -18.54
CA SER A 217 -1.54 0.02 -19.80
C SER A 217 -0.79 -0.68 -20.92
N SER A 218 -1.44 -0.77 -22.07
CA SER A 218 -0.80 -1.26 -23.30
C SER A 218 -0.15 -0.15 -24.10
N VAL A 219 0.39 0.86 -23.42
CA VAL A 219 1.01 2.00 -24.11
C VAL A 219 2.29 1.55 -24.79
N GLU A 220 2.44 1.89 -26.07
CA GLU A 220 3.61 1.50 -26.85
C GLU A 220 4.62 2.63 -27.00
N ASN A 221 4.18 3.88 -27.08
CA ASN A 221 5.09 5.00 -27.28
C ASN A 221 5.29 5.77 -26.00
N PRO A 222 6.53 6.14 -25.68
CA PRO A 222 6.79 6.86 -24.41
C PRO A 222 6.15 8.22 -24.34
N GLU A 223 5.69 8.78 -25.47
CA GLU A 223 5.10 10.11 -25.45
C GLU A 223 3.76 10.12 -24.75
N GLU A 224 2.94 9.08 -24.96
CA GLU A 224 1.65 8.96 -24.31
C GLU A 224 1.72 8.22 -22.98
N ALA A 225 2.92 7.85 -22.52
CA ALA A 225 3.08 7.29 -21.20
C ALA A 225 2.81 8.35 -20.14
N SER A 226 2.30 7.90 -19.00
CA SER A 226 1.95 8.80 -17.90
C SER A 226 2.74 8.42 -16.66
N PHE A 227 3.17 9.42 -15.92
CA PHE A 227 3.96 9.24 -14.71
C PHE A 227 3.11 9.47 -13.48
N PHE A 228 3.39 8.70 -12.41
CA PHE A 228 2.76 8.91 -11.12
C PHE A 228 3.65 9.79 -10.25
N GLU A 229 3.06 10.83 -9.66
CA GLU A 229 3.78 11.77 -8.81
C GLU A 229 3.07 11.88 -7.47
N SER A 230 3.72 12.58 -6.52
CA SER A 230 3.20 12.76 -5.18
C SER A 230 2.31 14.01 -5.12
N PHE A 231 1.25 13.93 -4.32
CA PHE A 231 0.33 15.05 -4.17
C PHE A 231 1.01 16.27 -3.57
N GLU A 232 1.97 16.06 -2.65
CA GLU A 232 2.75 17.15 -2.09
C GLU A 232 4.23 17.09 -2.42
N GLY A 233 4.79 15.89 -2.58
CA GLY A 233 6.21 15.73 -2.84
C GLY A 233 6.71 16.52 -4.02
N ALA A 234 7.65 17.45 -3.76
CA ALA A 234 8.17 18.31 -4.81
C ALA A 234 9.48 17.75 -5.35
N HIS A 235 10.50 17.68 -4.49
CA HIS A 235 11.82 17.26 -4.94
C HIS A 235 11.89 15.74 -5.11
N SER A 236 12.50 15.06 -4.13
CA SER A 236 12.63 13.60 -4.14
C SER A 236 13.36 13.13 -5.41
N LEU A 237 14.49 13.77 -5.70
CA LEU A 237 15.33 13.44 -6.85
C LEU A 237 14.56 13.53 -8.17
N HIS A 238 13.64 14.49 -8.25
CA HIS A 238 12.90 14.77 -9.47
C HIS A 238 13.81 14.99 -10.68
N ASP A 239 15.02 15.50 -10.45
CA ASP A 239 15.96 15.73 -11.55
C ASP A 239 16.16 14.47 -12.37
N LEU A 240 16.23 13.31 -11.70
CA LEU A 240 16.28 12.04 -12.43
C LEU A 240 14.99 11.82 -13.21
N SER A 241 13.84 11.85 -12.51
CA SER A 241 12.57 11.60 -13.18
C SER A 241 12.34 12.57 -14.33
N SER A 242 12.78 13.82 -14.17
CA SER A 242 12.64 14.81 -15.23
C SER A 242 13.47 14.41 -16.45
N SER A 243 14.79 14.32 -16.28
CA SER A 243 15.66 14.01 -17.41
C SER A 243 15.32 12.66 -18.03
N ILE A 244 14.86 11.70 -17.23
CA ILE A 244 14.38 10.44 -17.77
C ILE A 244 13.16 10.67 -18.67
N ALA A 245 12.17 11.41 -18.15
CA ALA A 245 11.02 11.75 -18.95
C ALA A 245 11.41 12.62 -20.14
N ASN A 246 12.44 13.46 -19.99
CA ASN A 246 12.89 14.29 -21.10
C ASN A 246 13.44 13.44 -22.24
N LYS A 247 14.34 12.51 -21.90
CA LYS A 247 14.85 11.58 -22.92
C LYS A 247 13.73 10.73 -23.49
N LEU A 248 12.71 10.41 -22.68
CA LEU A 248 11.53 9.72 -23.19
C LEU A 248 10.62 10.67 -23.96
N GLY A 249 10.67 11.96 -23.65
CA GLY A 249 9.81 12.93 -24.32
C GLY A 249 8.36 12.83 -23.90
N VAL A 250 8.10 12.55 -22.62
CA VAL A 250 6.73 12.38 -22.14
C VAL A 250 6.00 13.72 -22.18
N LYS A 251 4.84 13.72 -22.82
CA LYS A 251 4.02 14.93 -22.92
C LYS A 251 2.65 14.78 -22.28
N ALA A 252 2.30 13.59 -21.79
CA ALA A 252 1.04 13.40 -21.12
C ALA A 252 1.11 13.95 -19.69
N PRO A 253 -0.01 14.44 -19.16
CA PRO A 253 0.00 15.00 -17.81
C PRO A 253 0.23 13.91 -16.78
N PRO A 254 0.81 14.24 -15.64
CA PRO A 254 1.10 13.22 -14.61
C PRO A 254 -0.14 12.90 -13.79
N VAL A 255 -0.04 11.78 -13.06
CA VAL A 255 -1.07 11.34 -12.14
C VAL A 255 -0.54 11.52 -10.72
N ARG A 256 -1.33 12.15 -9.86
CA ARG A 256 -0.87 12.58 -8.54
C ARG A 256 -1.64 11.82 -7.45
N ILE A 257 -1.00 10.78 -6.92
CA ILE A 257 -1.52 10.00 -5.80
C ILE A 257 -0.50 10.03 -4.68
N ASP A 258 -0.97 10.09 -3.45
CA ASP A 258 -0.08 10.23 -2.30
C ASP A 258 -0.19 9.06 -1.33
N SER A 259 -0.18 7.83 -1.84
CA SER A 259 -0.13 6.64 -0.99
C SER A 259 0.26 5.45 -1.85
N GLN A 260 0.31 4.27 -1.21
CA GLN A 260 0.59 3.04 -1.92
C GLN A 260 -0.49 2.67 -2.93
N ALA A 261 -1.62 3.38 -2.91
CA ALA A 261 -2.64 3.20 -3.94
C ALA A 261 -2.14 3.56 -5.33
N LYS A 262 -0.95 4.17 -5.45
CA LYS A 262 -0.35 4.36 -6.75
C LYS A 262 -0.23 3.04 -7.51
N TYR A 263 0.16 1.96 -6.82
CA TYR A 263 0.31 0.66 -7.46
C TYR A 263 -1.01 0.16 -8.02
N GLY A 264 -2.06 0.18 -7.20
CA GLY A 264 -3.37 -0.24 -7.66
C GLY A 264 -3.82 0.51 -8.91
N ALA A 265 -3.58 1.83 -8.94
CA ALA A 265 -3.98 2.60 -10.10
C ALA A 265 -3.17 2.23 -11.33
N LEU A 266 -1.88 1.93 -11.15
CA LEU A 266 -1.08 1.55 -12.30
C LEU A 266 -1.44 0.17 -12.80
N SER A 267 -1.82 -0.75 -11.90
CA SER A 267 -2.12 -2.12 -12.30
C SER A 267 -3.42 -2.20 -13.10
N ARG A 268 -4.35 -1.27 -12.89
CA ARG A 268 -5.58 -1.20 -13.67
C ARG A 268 -5.42 -0.42 -14.96
N GLY A 269 -4.30 0.25 -15.17
CA GLY A 269 -4.01 0.90 -16.44
C GLY A 269 -4.26 2.39 -16.50
N ASP A 270 -4.29 3.09 -15.36
CA ASP A 270 -4.50 4.54 -15.38
C ASP A 270 -3.23 5.26 -15.81
N GLY A 271 -2.10 4.93 -15.20
CA GLY A 271 -0.81 5.45 -15.61
C GLY A 271 0.07 4.34 -16.15
N ALA A 272 1.15 4.74 -16.81
CA ALA A 272 2.04 3.79 -17.46
C ALA A 272 3.38 3.61 -16.76
N ILE A 273 3.86 4.61 -16.03
CA ILE A 273 5.20 4.58 -15.45
C ILE A 273 5.17 5.14 -14.04
N TYR A 274 5.90 4.50 -13.14
CA TYR A 274 6.11 5.00 -11.79
C TYR A 274 7.59 4.86 -11.44
N LEU A 275 8.17 5.95 -10.92
CA LEU A 275 9.58 6.00 -10.58
C LEU A 275 9.71 6.61 -9.19
N ARG A 276 10.23 5.83 -8.26
CA ARG A 276 10.52 6.30 -6.90
C ARG A 276 12.02 6.25 -6.68
N PHE A 277 12.59 7.37 -6.21
CA PHE A 277 14.01 7.45 -5.87
C PHE A 277 14.13 8.01 -4.46
N PRO A 278 14.46 7.18 -3.48
CA PRO A 278 14.53 7.67 -2.10
C PRO A 278 15.71 8.60 -1.90
N HIS A 279 15.58 9.43 -0.86
CA HIS A 279 16.65 10.35 -0.50
C HIS A 279 17.84 9.59 0.09
N LYS A 280 18.95 10.30 0.21
CA LYS A 280 20.15 9.69 0.77
C LYS A 280 19.94 9.32 2.24
N GLY A 281 20.40 8.13 2.61
CA GLY A 281 20.30 7.65 3.96
C GLY A 281 19.00 6.96 4.31
N TYR A 282 17.94 7.21 3.55
CA TYR A 282 16.66 6.57 3.80
C TYR A 282 16.65 5.19 3.15
N ARG A 283 16.37 4.17 3.95
CA ARG A 283 16.29 2.80 3.47
C ARG A 283 14.82 2.43 3.31
N GLU A 284 14.46 2.01 2.10
CA GLU A 284 13.06 1.70 1.80
C GLU A 284 12.61 0.46 2.56
N LYS A 285 11.43 0.53 3.17
CA LYS A 285 10.87 -0.57 3.93
C LYS A 285 10.07 -1.50 3.03
N ILE A 286 9.98 -2.77 3.44
CA ILE A 286 9.30 -3.76 2.60
C ILE A 286 7.79 -3.57 2.62
N TRP A 287 7.23 -3.09 3.74
CA TRP A 287 5.79 -2.88 3.79
C TRP A 287 5.32 -1.72 2.94
N ASP A 288 6.23 -0.95 2.35
CA ASP A 288 5.85 0.13 1.45
C ASP A 288 5.71 -0.33 0.00
N HIS A 289 6.07 -1.57 -0.32
CA HIS A 289 6.13 -1.96 -1.73
C HIS A 289 5.75 -3.41 -2.01
N VAL A 290 5.69 -4.25 -0.97
CA VAL A 290 5.55 -5.69 -1.22
C VAL A 290 4.18 -6.00 -1.82
N ALA A 291 3.11 -5.42 -1.26
CA ALA A 291 1.78 -5.73 -1.75
C ALA A 291 1.56 -5.13 -3.12
N GLY A 292 2.05 -3.91 -3.36
CA GLY A 292 1.85 -3.27 -4.65
C GLY A 292 2.67 -3.91 -5.75
N ALA A 293 3.81 -4.50 -5.39
CA ALA A 293 4.69 -5.11 -6.39
C ALA A 293 3.99 -6.27 -7.09
N ILE A 294 3.43 -7.22 -6.33
CA ILE A 294 2.81 -8.37 -6.96
C ILE A 294 1.49 -7.98 -7.60
N VAL A 295 0.79 -6.97 -7.07
CA VAL A 295 -0.41 -6.46 -7.71
C VAL A 295 -0.08 -5.97 -9.11
N VAL A 296 1.07 -5.31 -9.27
CA VAL A 296 1.46 -4.84 -10.60
C VAL A 296 1.95 -6.00 -11.46
N THR A 297 2.82 -6.84 -10.88
CA THR A 297 3.39 -7.95 -11.62
C THR A 297 2.30 -8.86 -12.19
N GLU A 298 1.34 -9.26 -11.36
CA GLU A 298 0.32 -10.19 -11.80
C GLU A 298 -0.67 -9.55 -12.75
N ALA A 299 -0.51 -8.27 -13.06
CA ALA A 299 -1.31 -7.60 -14.07
C ALA A 299 -0.50 -7.27 -15.31
N GLY A 300 0.70 -7.83 -15.45
CA GLY A 300 1.53 -7.62 -16.61
C GLY A 300 2.60 -6.56 -16.48
N GLY A 301 2.79 -5.99 -15.30
CA GLY A 301 3.76 -4.93 -15.13
C GLY A 301 5.12 -5.44 -14.72
N ILE A 302 6.14 -4.63 -15.01
CA ILE A 302 7.53 -4.95 -14.71
C ILE A 302 7.97 -4.03 -13.57
N VAL A 303 8.34 -4.63 -12.44
CA VAL A 303 8.76 -3.90 -11.24
C VAL A 303 10.20 -4.31 -10.95
N THR A 304 11.16 -3.45 -11.29
CA THR A 304 12.57 -3.71 -11.07
C THR A 304 13.19 -2.52 -10.34
N ASP A 305 14.49 -2.61 -10.09
CA ASP A 305 15.24 -1.48 -9.58
C ASP A 305 15.89 -0.76 -10.77
N ALA A 306 16.94 0.02 -10.52
CA ALA A 306 17.58 0.76 -11.60
C ALA A 306 18.37 -0.17 -12.52
N ALA A 307 18.94 -1.25 -11.98
CA ALA A 307 19.75 -2.18 -12.76
C ALA A 307 18.91 -3.27 -13.40
N GLY A 308 17.59 -3.12 -13.44
CA GLY A 308 16.72 -4.13 -14.01
C GLY A 308 16.58 -5.38 -13.17
N LYS A 309 17.12 -5.39 -11.96
CA LYS A 309 17.02 -6.56 -11.10
C LYS A 309 15.65 -6.58 -10.41
N PRO A 310 15.05 -7.76 -10.26
CA PRO A 310 13.80 -7.84 -9.50
C PRO A 310 14.00 -7.45 -8.05
N LEU A 311 12.92 -7.01 -7.41
CA LEU A 311 12.99 -6.60 -6.01
C LEU A 311 13.05 -7.84 -5.13
N ASP A 312 13.94 -7.83 -4.15
CA ASP A 312 14.18 -8.99 -3.29
C ASP A 312 13.72 -8.69 -1.87
N PHE A 313 12.72 -9.44 -1.41
CA PHE A 313 12.09 -9.18 -0.12
C PHE A 313 12.59 -10.12 0.97
N SER A 314 13.71 -10.79 0.75
CA SER A 314 14.19 -11.80 1.67
C SER A 314 15.24 -11.29 2.64
N LYS A 315 15.65 -10.03 2.52
CA LYS A 315 16.77 -9.51 3.30
C LYS A 315 16.33 -8.92 4.64
N GLY A 316 15.04 -8.93 4.94
CA GLY A 316 14.53 -8.42 6.20
C GLY A 316 13.51 -7.32 5.98
N LYS A 317 13.59 -6.28 6.83
CA LYS A 317 12.65 -5.17 6.76
C LYS A 317 13.01 -4.15 5.68
N TYR A 318 14.27 -4.05 5.31
CA TYR A 318 14.73 -3.07 4.35
C TYR A 318 15.02 -3.73 3.00
N LEU A 319 15.02 -2.90 1.96
CA LEU A 319 15.13 -3.36 0.57
C LEU A 319 16.35 -2.70 -0.07
N ASP A 320 17.47 -3.41 -0.11
CA ASP A 320 18.63 -2.89 -0.80
C ASP A 320 18.40 -2.94 -2.30
N LEU A 321 18.46 -1.78 -2.95
CA LEU A 321 18.10 -1.67 -4.34
C LEU A 321 18.97 -0.62 -5.02
N ASP A 322 19.08 -0.73 -6.34
CA ASP A 322 19.85 0.23 -7.13
C ASP A 322 19.04 1.51 -7.27
N THR A 323 19.54 2.58 -6.68
CA THR A 323 18.95 3.92 -6.79
C THR A 323 17.51 3.95 -6.32
N GLY A 324 16.58 3.46 -7.12
CA GLY A 324 15.16 3.47 -6.78
C GLY A 324 14.41 2.32 -7.42
N ILE A 325 13.11 2.53 -7.64
CA ILE A 325 12.21 1.51 -8.17
C ILE A 325 11.68 1.97 -9.53
N ILE A 326 11.59 1.04 -10.47
CA ILE A 326 11.18 1.30 -11.84
C ILE A 326 9.98 0.41 -12.13
N VAL A 327 8.86 1.02 -12.50
CA VAL A 327 7.63 0.30 -12.80
C VAL A 327 7.10 0.75 -14.15
N ALA A 328 6.82 -0.21 -15.02
CA ALA A 328 6.25 0.05 -16.34
C ALA A 328 5.74 -1.27 -16.90
N ASN A 329 5.24 -1.23 -18.14
CA ASN A 329 4.78 -2.44 -18.80
C ASN A 329 5.92 -3.08 -19.59
N GLU A 330 5.59 -4.17 -20.31
CA GLU A 330 6.62 -4.92 -21.01
C GLU A 330 7.25 -4.09 -22.12
N LYS A 331 6.48 -3.22 -22.75
CA LYS A 331 6.98 -2.51 -23.92
C LYS A 331 7.75 -1.25 -23.57
N LEU A 332 7.38 -0.57 -22.48
CA LEU A 332 8.04 0.67 -22.13
C LEU A 332 9.30 0.43 -21.29
N MET A 333 9.34 -0.67 -20.54
CA MET A 333 10.44 -0.91 -19.63
C MET A 333 11.81 -0.93 -20.30
N PRO A 334 12.02 -1.59 -21.45
CA PRO A 334 13.37 -1.56 -22.05
C PRO A 334 13.87 -0.16 -22.31
N LEU A 335 13.07 0.68 -22.95
CA LEU A 335 13.49 2.06 -23.21
C LEU A 335 13.60 2.84 -21.91
N LEU A 336 12.67 2.62 -20.98
CA LEU A 336 12.72 3.29 -19.69
C LEU A 336 13.99 2.93 -18.95
N LEU A 337 14.40 1.66 -19.01
CA LEU A 337 15.63 1.25 -18.33
C LEU A 337 16.84 1.97 -18.92
N LYS A 338 16.90 2.10 -20.24
CA LYS A 338 18.01 2.82 -20.86
C LYS A 338 17.97 4.30 -20.50
N ALA A 339 16.77 4.88 -20.46
CA ALA A 339 16.64 6.29 -20.07
C ALA A 339 17.07 6.53 -18.64
N VAL A 340 16.85 5.55 -17.75
CA VAL A 340 17.21 5.74 -16.35
C VAL A 340 18.72 5.67 -16.18
N ARG A 341 19.33 4.56 -16.62
CA ARG A 341 20.76 4.38 -16.40
C ARG A 341 21.60 5.43 -17.12
N ASP A 342 21.10 5.95 -18.24
CA ASP A 342 21.77 7.08 -18.88
C ASP A 342 21.67 8.33 -18.00
N SER A 343 20.46 8.68 -17.57
CA SER A 343 20.29 9.80 -16.66
C SER A 343 21.05 9.57 -15.35
N ILE A 344 21.21 8.32 -14.94
CA ILE A 344 22.06 8.01 -13.79
C ILE A 344 23.53 8.27 -14.14
N ALA A 345 23.96 7.80 -15.31
CA ALA A 345 25.34 8.03 -15.71
C ALA A 345 25.58 9.48 -16.12
N GLU A 346 24.55 10.18 -16.59
CA GLU A 346 24.70 11.57 -17.01
C GLU A 346 24.70 12.51 -15.81
N GLN A 347 23.64 13.31 -15.68
CA GLN A 347 23.53 14.39 -14.70
C GLN A 347 23.99 13.97 -13.32
N GLU A 348 23.74 12.72 -12.94
CA GLU A 348 24.16 12.23 -11.63
C GLU A 348 25.67 12.05 -11.58
N LYS A 349 26.23 11.19 -12.45
CA LYS A 349 27.66 10.94 -12.42
C LYS A 349 28.46 12.09 -13.03
N ALA A 350 27.83 12.96 -13.81
CA ALA A 350 28.53 14.12 -14.35
C ALA A 350 28.97 15.10 -13.27
N SER A 351 28.54 14.89 -12.01
CA SER A 351 28.99 15.76 -10.92
C SER A 351 30.50 15.70 -10.74
N ALA A 352 31.09 14.53 -10.98
CA ALA A 352 32.53 14.36 -10.83
C ALA A 352 33.30 15.18 -11.86
#